data_4RCA
#
_entry.id   4RCA
#
_cell.length_a   76.981
_cell.length_b   60.195
_cell.length_c   83.679
_cell.angle_alpha   90.00
_cell.angle_beta   102.19
_cell.angle_gamma   90.00
#
_symmetry.space_group_name_H-M   'P 1 21 1'
#
loop_
_entity.id
_entity.type
_entity.pdbx_description
1 polymer 'Receptor-type tyrosine-protein phosphatase delta'
2 polymer 'SLIT and NTRK-like protein 1'
3 non-polymer 2-acetamido-2-deoxy-beta-D-glucopyranose
4 non-polymer 'SULFATE ION'
5 water water
#
loop_
_entity_poly.entity_id
_entity_poly.type
_entity_poly.pdbx_seq_one_letter_code
_entity_poly.pdbx_strand_id
1 'polypeptide(L)'
;ETPPRFTRTPVDQTGVSGGVASFICQATGDPRPKIVWNKKGKKVSNQRFEVIEFDDGSGSVLRIQPLRTPRDEAIYECVA
SNNVGEISVSTRLTVLREDQIPRGFPTIDMGPQLKVVERTRTATMLCAASGNPDPEITWFKDFLPVDTSNNNGRIKQLRS
ESIGGTPIRGALQIEQSEESDQGKYECVATNSAGTRYSAPANLYVRELREVRRVPPRFSIPPTNHEIMPGGSVNITCVAV
GSPMPYVKWMLGAEDLTPEDDMPIGRNVLELNDVRQSANYTCVAMSTLGVIEAIAQITVKALSRLVPR
;
A
2 'polypeptide(L)'
;TGDVCKEKICSCNEIEGDLHVDCEKKGFTSLQRFTAPTSQFYHLFLHGNSLTRLFPNEFANFYNAVSLHMENNGLHEIVP
GAFLGLQLVKRLHINNNKIKSFRKQTFLGLDDLEYLQADFNLLRDIDPGAFQDLNKLEVLILNDNLISTLPANVFQYVPI
THLDLRGNRLKTLPYEEVLEQIPGIAEILLEDNPWDCTCDLLSLKEWLENIPKNALIGRVVCEAPTRLQGKDLNETTEQD
LCPLKSRLVPR
;
B
#
# COMPACT_ATOMS: atom_id res chain seq x y z
N GLU A 1 15.61 -2.34 -44.95
CA GLU A 1 16.92 -1.72 -44.94
C GLU A 1 17.91 -2.53 -44.12
N THR A 2 17.54 -2.84 -42.89
CA THR A 2 18.41 -3.57 -41.97
C THR A 2 17.81 -4.90 -41.54
N PRO A 3 18.67 -5.90 -41.26
CA PRO A 3 18.26 -7.20 -40.76
C PRO A 3 18.03 -7.21 -39.25
N PRO A 4 17.35 -8.23 -38.72
CA PRO A 4 17.12 -8.30 -37.27
C PRO A 4 18.37 -8.71 -36.50
N ARG A 5 18.47 -8.24 -35.26
CA ARG A 5 19.59 -8.59 -34.38
C ARG A 5 19.10 -8.74 -32.95
N PHE A 6 19.53 -9.81 -32.28
CA PHE A 6 19.14 -10.06 -30.91
C PHE A 6 19.80 -9.10 -29.93
N THR A 7 18.98 -8.39 -29.16
CA THR A 7 19.48 -7.52 -28.11
C THR A 7 19.42 -8.22 -26.75
N ARG A 8 18.52 -9.20 -26.63
CA ARG A 8 18.49 -10.06 -25.46
C ARG A 8 17.84 -11.41 -25.79
N THR A 9 18.48 -12.48 -25.32
CA THR A 9 18.06 -13.84 -25.64
C THR A 9 17.74 -14.63 -24.38
N PRO A 10 16.75 -15.54 -24.47
CA PRO A 10 16.35 -16.36 -23.32
C PRO A 10 17.41 -17.41 -22.96
N VAL A 11 17.59 -17.65 -21.66
CA VAL A 11 18.58 -18.61 -21.18
C VAL A 11 17.91 -19.80 -20.50
N ASP A 12 18.62 -20.93 -20.45
CA ASP A 12 18.11 -22.16 -19.88
C ASP A 12 17.69 -21.97 -18.42
N GLN A 13 16.54 -22.53 -18.06
CA GLN A 13 15.95 -22.32 -16.74
C GLN A 13 15.48 -23.62 -16.11
N THR A 14 15.59 -23.72 -14.79
CA THR A 14 15.13 -24.89 -14.06
C THR A 14 14.11 -24.47 -13.00
N GLY A 15 12.84 -24.82 -13.21
CA GLY A 15 11.76 -24.40 -12.33
C GLY A 15 11.12 -25.55 -11.57
N VAL A 16 10.13 -25.24 -10.73
CA VAL A 16 9.47 -26.26 -9.91
C VAL A 16 8.01 -26.45 -10.30
N SER A 17 7.49 -27.66 -10.03
CA SER A 17 6.09 -27.98 -10.31
C SER A 17 5.13 -27.00 -9.64
N GLY A 18 4.23 -26.42 -10.42
CA GLY A 18 3.28 -25.46 -9.91
C GLY A 18 3.85 -24.06 -9.83
N GLY A 19 5.08 -23.89 -10.32
CA GLY A 19 5.77 -22.62 -10.27
C GLY A 19 5.59 -21.77 -11.52
N VAL A 20 6.60 -20.97 -11.83
CA VAL A 20 6.54 -20.05 -12.97
C VAL A 20 7.85 -20.09 -13.76
N ALA A 21 7.74 -20.06 -15.08
CA ALA A 21 8.91 -19.92 -15.94
C ALA A 21 8.73 -18.72 -16.89
N SER A 22 9.77 -17.91 -17.02
CA SER A 22 9.70 -16.75 -17.91
C SER A 22 10.92 -16.66 -18.81
N PHE A 23 10.70 -16.60 -20.12
CA PHE A 23 11.80 -16.45 -21.07
C PHE A 23 11.72 -15.11 -21.79
N ILE A 24 12.80 -14.33 -21.70
CA ILE A 24 12.85 -12.99 -22.30
C ILE A 24 13.57 -13.02 -23.64
N CYS A 25 12.97 -12.43 -24.67
CA CYS A 25 13.62 -12.36 -25.97
C CYS A 25 13.26 -11.08 -26.73
N GLN A 26 14.25 -10.22 -26.96
CA GLN A 26 14.01 -8.97 -27.69
C GLN A 26 15.10 -8.67 -28.72
N ALA A 27 14.68 -8.11 -29.85
CA ALA A 27 15.57 -7.87 -30.98
C ALA A 27 15.34 -6.46 -31.55
N THR A 28 16.24 -6.04 -32.43
CA THR A 28 16.12 -4.75 -33.10
C THR A 28 16.24 -4.92 -34.62
N GLY A 29 15.64 -3.99 -35.36
CA GLY A 29 15.68 -4.05 -36.81
C GLY A 29 14.70 -3.10 -37.48
N ASP A 30 14.91 -2.85 -38.77
CA ASP A 30 14.04 -1.97 -39.54
C ASP A 30 13.65 -2.62 -40.86
N PRO A 31 12.38 -3.03 -41.01
CA PRO A 31 11.25 -2.90 -40.07
C PRO A 31 11.44 -3.70 -38.78
N ARG A 32 10.69 -3.34 -37.74
CA ARG A 32 10.82 -3.96 -36.42
C ARG A 32 10.62 -5.46 -36.47
N PRO A 33 11.50 -6.21 -35.78
CA PRO A 33 11.41 -7.67 -35.72
C PRO A 33 10.10 -8.16 -35.09
N LYS A 34 9.61 -9.28 -35.60
CA LYS A 34 8.46 -9.95 -35.01
C LYS A 34 8.96 -11.16 -34.25
N ILE A 35 8.55 -11.26 -32.98
CA ILE A 35 9.01 -12.33 -32.10
C ILE A 35 7.98 -13.46 -32.04
N VAL A 36 8.43 -14.66 -32.36
CA VAL A 36 7.60 -15.85 -32.28
C VAL A 36 8.25 -16.87 -31.35
N TRP A 37 7.42 -17.48 -30.50
CA TRP A 37 7.87 -18.54 -29.59
C TRP A 37 7.37 -19.91 -30.03
N ASN A 38 8.29 -20.74 -30.49
CA ASN A 38 7.97 -22.08 -30.96
C ASN A 38 8.40 -23.16 -29.98
N LYS A 39 7.56 -24.17 -29.78
CA LYS A 39 7.92 -25.28 -28.91
C LYS A 39 8.30 -26.51 -29.73
N LYS A 40 9.60 -26.66 -29.98
CA LYS A 40 10.11 -27.76 -30.80
C LYS A 40 9.53 -27.72 -32.22
N GLY A 41 9.56 -26.54 -32.84
CA GLY A 41 9.08 -26.39 -34.19
C GLY A 41 7.86 -25.49 -34.32
N LYS A 42 6.72 -25.98 -33.87
CA LYS A 42 5.47 -25.22 -33.95
C LYS A 42 5.34 -24.29 -32.75
N LYS A 43 4.51 -23.25 -32.89
CA LYS A 43 4.31 -22.29 -31.81
C LYS A 43 3.51 -22.88 -30.66
N VAL A 44 3.88 -22.51 -29.44
CA VAL A 44 3.19 -22.96 -28.24
C VAL A 44 1.71 -22.61 -28.27
N SER A 45 0.87 -23.54 -27.84
CA SER A 45 -0.58 -23.34 -27.86
C SER A 45 -1.27 -24.13 -26.75
N ASN A 46 -1.61 -23.44 -25.66
CA ASN A 46 -2.21 -24.09 -24.49
C ASN A 46 -2.92 -23.06 -23.62
N GLN A 47 -3.46 -23.51 -22.49
CA GLN A 47 -4.18 -22.62 -21.57
C GLN A 47 -3.40 -22.44 -20.27
N ARG A 48 -2.07 -22.48 -20.36
CA ARG A 48 -1.21 -22.28 -19.20
C ARG A 48 -0.06 -21.33 -19.50
N PHE A 49 0.15 -21.05 -20.79
CA PHE A 49 1.21 -20.13 -21.19
C PHE A 49 0.65 -18.76 -21.54
N GLU A 50 1.52 -17.78 -21.71
CA GLU A 50 1.11 -16.43 -22.04
C GLU A 50 2.29 -15.61 -22.59
N VAL A 51 2.11 -15.02 -23.77
CA VAL A 51 3.14 -14.18 -24.36
C VAL A 51 2.87 -12.70 -24.06
N ILE A 52 3.80 -12.09 -23.34
CA ILE A 52 3.65 -10.68 -22.94
C ILE A 52 4.69 -9.81 -23.63
N GLU A 53 4.23 -8.95 -24.54
CA GLU A 53 5.12 -8.14 -25.35
C GLU A 53 5.62 -6.91 -24.60
N PHE A 54 6.81 -6.45 -24.96
CA PHE A 54 7.35 -5.21 -24.44
C PHE A 54 6.58 -4.04 -25.03
N ASP A 55 6.44 -2.97 -24.23
CA ASP A 55 5.77 -1.77 -24.70
C ASP A 55 6.55 -1.14 -25.86
N ASP A 56 7.86 -1.41 -25.88
CA ASP A 56 8.70 -0.99 -26.99
C ASP A 56 8.26 -1.69 -28.27
N GLY A 57 8.01 -2.99 -28.15
CA GLY A 57 7.75 -3.83 -29.31
C GLY A 57 9.02 -4.58 -29.66
N SER A 58 10.11 -4.19 -28.98
CA SER A 58 11.43 -4.76 -29.20
C SER A 58 11.44 -6.27 -29.02
N GLY A 59 10.59 -6.78 -28.14
CA GLY A 59 10.50 -8.21 -27.92
C GLY A 59 9.36 -8.64 -27.01
N SER A 60 9.47 -9.84 -26.48
CA SER A 60 8.41 -10.38 -25.63
C SER A 60 8.93 -11.35 -24.58
N VAL A 61 8.00 -11.85 -23.77
CA VAL A 61 8.30 -12.77 -22.70
C VAL A 61 7.33 -13.96 -22.71
N LEU A 62 7.88 -15.17 -22.68
CA LEU A 62 7.07 -16.39 -22.57
C LEU A 62 6.87 -16.75 -21.10
N ARG A 63 5.60 -16.79 -20.69
CA ARG A 63 5.24 -17.01 -19.30
C ARG A 63 4.47 -18.31 -19.11
N ILE A 64 5.11 -19.30 -18.51
CA ILE A 64 4.45 -20.58 -18.23
C ILE A 64 4.11 -20.72 -16.75
N GLN A 65 2.83 -20.92 -16.46
CA GLN A 65 2.34 -20.99 -15.09
C GLN A 65 0.95 -21.63 -15.05
N PRO A 66 0.75 -22.59 -14.14
CA PRO A 66 1.77 -23.14 -13.24
C PRO A 66 2.57 -24.25 -13.91
N LEU A 67 3.81 -24.46 -13.48
CA LEU A 67 4.67 -25.44 -14.13
C LEU A 67 4.20 -26.87 -13.89
N ARG A 68 4.09 -27.63 -14.98
CA ARG A 68 3.70 -29.04 -14.92
C ARG A 68 4.78 -29.92 -15.53
N THR A 69 5.11 -31.01 -14.83
CA THR A 69 6.19 -31.90 -15.25
C THR A 69 5.69 -33.33 -15.46
N PRO A 70 6.23 -34.03 -16.47
CA PRO A 70 7.28 -33.60 -17.41
C PRO A 70 6.72 -32.85 -18.62
N ARG A 71 5.48 -32.40 -18.51
CA ARG A 71 4.77 -31.78 -19.62
C ARG A 71 5.45 -30.51 -20.14
N ASP A 72 5.89 -29.66 -19.24
CA ASP A 72 6.48 -28.37 -19.61
C ASP A 72 7.78 -28.51 -20.40
N GLU A 73 8.59 -29.50 -20.04
CA GLU A 73 9.89 -29.68 -20.68
C GLU A 73 9.71 -30.02 -22.16
N ALA A 74 10.64 -29.56 -23.02
CA ALA A 74 11.86 -28.91 -22.57
C ALA A 74 12.25 -27.64 -23.35
N ILE A 75 12.60 -27.81 -24.62
CA ILE A 75 13.25 -26.75 -25.39
C ILE A 75 12.29 -25.86 -26.18
N TYR A 76 12.58 -24.56 -26.17
CA TYR A 76 11.79 -23.58 -26.92
C TYR A 76 12.69 -22.72 -27.80
N GLU A 77 12.08 -22.08 -28.79
CA GLU A 77 12.79 -21.26 -29.77
C GLU A 77 12.19 -19.87 -29.92
N CYS A 78 13.04 -18.87 -29.84
CA CYS A 78 12.67 -17.49 -30.17
C CYS A 78 13.11 -17.15 -31.58
N VAL A 79 12.15 -16.75 -32.41
CA VAL A 79 12.42 -16.37 -33.79
C VAL A 79 12.08 -14.90 -34.02
N ALA A 80 13.06 -14.12 -34.45
CA ALA A 80 12.83 -12.72 -34.81
C ALA A 80 12.85 -12.56 -36.33
N SER A 81 11.83 -11.92 -36.89
CA SER A 81 11.78 -11.84 -38.35
C SER A 81 11.23 -10.53 -38.88
N ASN A 82 11.84 -10.05 -39.96
CA ASN A 82 11.31 -8.91 -40.71
C ASN A 82 11.32 -9.24 -42.20
N ASN A 83 11.13 -8.24 -43.05
CA ASN A 83 11.15 -8.47 -44.50
C ASN A 83 12.56 -8.80 -44.99
N VAL A 84 13.56 -8.18 -44.37
CA VAL A 84 14.93 -8.25 -44.86
C VAL A 84 15.71 -9.44 -44.28
N GLY A 85 15.18 -10.06 -43.24
CA GLY A 85 15.85 -11.20 -42.64
C GLY A 85 15.10 -11.95 -41.55
N GLU A 86 15.79 -12.92 -40.95
CA GLU A 86 15.24 -13.72 -39.85
C GLU A 86 16.35 -14.37 -39.04
N ILE A 87 16.14 -14.47 -37.71
CA ILE A 87 17.11 -15.08 -36.80
C ILE A 87 16.43 -15.90 -35.70
N SER A 88 17.17 -16.84 -35.10
CA SER A 88 16.59 -17.78 -34.16
C SER A 88 17.56 -18.11 -33.02
N VAL A 89 17.03 -18.26 -31.81
CA VAL A 89 17.81 -18.76 -30.67
C VAL A 89 16.97 -19.80 -29.92
N SER A 90 17.61 -20.82 -29.36
CA SER A 90 16.89 -21.81 -28.58
C SER A 90 17.30 -21.78 -27.11
N THR A 91 16.50 -22.41 -26.26
CA THR A 91 16.79 -22.51 -24.83
C THR A 91 16.02 -23.66 -24.19
N ARG A 92 16.57 -24.21 -23.11
CA ARG A 92 15.96 -25.40 -22.49
C ARG A 92 15.27 -25.12 -21.16
N LEU A 93 14.02 -25.55 -21.06
CA LEU A 93 13.31 -25.50 -19.79
C LEU A 93 13.37 -26.88 -19.13
N THR A 94 13.53 -26.88 -17.81
CA THR A 94 13.41 -28.11 -17.04
C THR A 94 12.55 -27.87 -15.80
N VAL A 95 11.56 -28.73 -15.61
CA VAL A 95 10.65 -28.60 -14.49
C VAL A 95 10.69 -29.88 -13.66
N LEU A 96 11.23 -29.77 -12.45
CA LEU A 96 11.36 -30.90 -11.53
C LEU A 96 10.22 -30.93 -10.53
N ARG A 97 9.66 -32.12 -10.29
CA ARG A 97 8.57 -32.30 -9.33
C ARG A 97 9.03 -32.05 -7.90
N GLU A 98 8.09 -32.10 -6.96
CA GLU A 98 8.32 -31.67 -5.58
C GLU A 98 9.38 -32.48 -4.83
N ASP A 99 9.59 -33.73 -5.24
CA ASP A 99 10.57 -34.58 -4.58
C ASP A 99 11.92 -34.57 -5.29
N GLN A 100 12.05 -33.72 -6.31
CA GLN A 100 13.29 -33.61 -7.07
C GLN A 100 14.04 -32.32 -6.73
N ILE A 101 13.56 -31.60 -5.72
CA ILE A 101 14.18 -30.34 -5.32
C ILE A 101 15.45 -30.58 -4.52
N PRO A 102 16.59 -30.09 -5.05
CA PRO A 102 17.89 -30.25 -4.37
C PRO A 102 17.98 -29.47 -3.06
N ARG A 103 18.95 -29.82 -2.24
CA ARG A 103 19.33 -28.98 -1.11
C ARG A 103 19.97 -27.72 -1.66
N GLY A 104 19.55 -26.56 -1.17
CA GLY A 104 20.10 -25.30 -1.62
C GLY A 104 19.43 -24.75 -2.87
N PHE A 105 18.24 -25.25 -3.16
CA PHE A 105 17.42 -24.66 -4.21
C PHE A 105 16.91 -23.33 -3.68
N PRO A 106 16.81 -22.31 -4.56
CA PRO A 106 16.35 -20.98 -4.13
C PRO A 106 15.01 -21.02 -3.42
N THR A 107 14.93 -20.40 -2.25
CA THR A 107 13.70 -20.34 -1.48
C THR A 107 13.43 -18.91 -1.03
N ILE A 108 12.17 -18.51 -1.04
CA ILE A 108 11.79 -17.18 -0.60
C ILE A 108 11.37 -17.23 0.87
N ASP A 109 12.24 -16.76 1.74
CA ASP A 109 11.97 -16.69 3.17
C ASP A 109 10.91 -15.62 3.45
N MET A 110 11.00 -14.52 2.71
CA MET A 110 10.02 -13.44 2.84
C MET A 110 9.81 -12.75 1.49
N GLY A 111 8.57 -12.80 1.01
CA GLY A 111 8.23 -12.20 -0.28
C GLY A 111 7.73 -10.78 -0.13
N PRO A 112 7.27 -10.19 -1.24
CA PRO A 112 6.72 -8.83 -1.25
C PRO A 112 5.26 -8.81 -0.82
N GLN A 113 4.85 -7.74 -0.14
CA GLN A 113 3.49 -7.61 0.37
C GLN A 113 2.69 -6.59 -0.42
N LEU A 114 1.39 -6.55 -0.16
CA LEU A 114 0.53 -5.52 -0.75
C LEU A 114 0.99 -4.16 -0.22
N LYS A 115 0.99 -3.16 -1.10
CA LYS A 115 1.51 -1.85 -0.73
C LYS A 115 0.74 -0.72 -1.39
N VAL A 116 0.17 0.14 -0.56
CA VAL A 116 -0.48 1.35 -1.04
C VAL A 116 0.39 2.56 -0.69
N VAL A 117 0.99 3.16 -1.70
CA VAL A 117 1.90 4.28 -1.48
C VAL A 117 1.29 5.58 -1.99
N GLU A 118 1.48 6.66 -1.23
CA GLU A 118 1.05 7.98 -1.66
C GLU A 118 2.00 8.46 -2.75
N ARG A 119 1.44 9.10 -3.78
CA ARG A 119 2.21 9.48 -4.97
C ARG A 119 3.41 10.36 -4.63
N THR A 120 4.45 10.25 -5.44
CA THR A 120 5.69 11.03 -5.31
C THR A 120 6.45 10.73 -4.01
N ARG A 121 6.20 9.56 -3.43
CA ARG A 121 6.94 9.09 -2.28
C ARG A 121 7.70 7.81 -2.60
N THR A 122 8.41 7.26 -1.62
CA THR A 122 9.19 6.05 -1.83
C THR A 122 8.35 4.80 -1.53
N ALA A 123 8.50 3.80 -2.39
CA ALA A 123 7.89 2.50 -2.18
C ALA A 123 8.92 1.41 -2.42
N THR A 124 9.32 0.72 -1.35
CA THR A 124 10.34 -0.30 -1.46
C THR A 124 9.77 -1.70 -1.23
N MET A 125 9.60 -2.45 -2.32
CA MET A 125 9.14 -3.82 -2.24
C MET A 125 10.25 -4.71 -1.69
N LEU A 126 9.93 -5.55 -0.71
CA LEU A 126 10.95 -6.37 -0.06
C LEU A 126 10.98 -7.80 -0.58
N CYS A 127 12.16 -8.41 -0.48
CA CYS A 127 12.33 -9.82 -0.79
C CYS A 127 13.52 -10.37 -0.02
N ALA A 128 13.44 -11.65 0.35
CA ALA A 128 14.52 -12.31 1.06
C ALA A 128 14.64 -13.75 0.60
N ALA A 129 15.78 -14.09 0.00
CA ALA A 129 15.96 -15.42 -0.58
C ALA A 129 17.13 -16.18 0.03
N SER A 130 17.10 -17.50 -0.09
CA SER A 130 18.17 -18.34 0.43
C SER A 130 18.34 -19.61 -0.41
N GLY A 131 19.58 -19.89 -0.81
CA GLY A 131 19.88 -21.04 -1.64
C GLY A 131 21.38 -21.22 -1.84
N ASN A 132 21.76 -22.38 -2.36
CA ASN A 132 23.17 -22.70 -2.57
C ASN A 132 23.47 -23.13 -4.01
N PRO A 133 24.37 -22.40 -4.70
CA PRO A 133 25.04 -21.17 -4.23
C PRO A 133 24.06 -20.01 -4.07
N ASP A 134 24.49 -18.95 -3.38
CA ASP A 134 23.60 -17.84 -3.02
C ASP A 134 22.80 -17.29 -4.20
N PRO A 135 21.48 -17.17 -4.03
CA PRO A 135 20.56 -16.78 -5.10
C PRO A 135 20.74 -15.33 -5.51
N GLU A 136 20.57 -15.05 -6.80
CA GLU A 136 20.54 -13.68 -7.26
C GLU A 136 19.08 -13.26 -7.44
N ILE A 137 18.75 -12.11 -6.87
CA ILE A 137 17.39 -11.58 -6.89
C ILE A 137 17.14 -10.77 -8.16
N THR A 138 15.93 -10.91 -8.70
CA THR A 138 15.51 -10.10 -9.85
C THR A 138 13.98 -9.95 -9.79
N TRP A 139 13.45 -8.93 -10.46
CA TRP A 139 12.04 -8.60 -10.31
C TRP A 139 11.23 -8.58 -11.62
N PHE A 140 9.95 -8.88 -11.48
CA PHE A 140 9.01 -8.82 -12.60
C PHE A 140 7.80 -7.97 -12.24
N LYS A 141 7.51 -6.96 -13.04
CA LYS A 141 6.25 -6.23 -12.85
C LYS A 141 5.28 -6.54 -13.97
N ASP A 142 4.13 -7.07 -13.60
CA ASP A 142 3.08 -7.43 -14.54
C ASP A 142 3.65 -8.32 -15.66
N PHE A 143 4.34 -9.37 -15.25
CA PHE A 143 4.86 -10.42 -16.15
C PHE A 143 6.06 -9.95 -16.97
N LEU A 144 6.61 -8.79 -16.63
CA LEU A 144 7.75 -8.25 -17.36
C LEU A 144 8.87 -7.87 -16.41
N PRO A 145 10.12 -8.13 -16.82
CA PRO A 145 11.31 -7.89 -15.98
C PRO A 145 11.49 -6.41 -15.66
N VAL A 146 11.94 -6.12 -14.45
CA VAL A 146 12.10 -4.74 -14.00
C VAL A 146 13.49 -4.22 -14.35
N ASP A 147 13.53 -3.20 -15.18
CA ASP A 147 14.79 -2.61 -15.62
C ASP A 147 15.47 -1.87 -14.49
N THR A 148 16.36 -2.57 -13.78
CA THR A 148 17.10 -2.00 -12.66
C THR A 148 18.55 -1.74 -13.06
N SER A 149 18.75 -1.34 -14.32
CA SER A 149 20.08 -1.16 -14.87
C SER A 149 20.91 -0.12 -14.13
N ASN A 150 22.23 -0.19 -14.31
CA ASN A 150 23.17 0.65 -13.58
C ASN A 150 22.99 2.15 -13.81
N ASN A 151 22.56 2.51 -15.03
CA ASN A 151 22.31 3.91 -15.35
C ASN A 151 21.31 4.54 -14.39
N ASN A 152 21.63 5.73 -13.91
CA ASN A 152 20.88 6.39 -12.84
C ASN A 152 19.37 6.46 -13.07
N GLY A 153 18.61 5.98 -12.09
CA GLY A 153 17.16 6.00 -12.16
C GLY A 153 16.51 5.87 -10.80
N ARG A 154 15.21 6.10 -10.75
CA ARG A 154 14.45 5.97 -9.51
C ARG A 154 14.40 4.52 -9.06
N ILE A 155 14.11 3.63 -10.01
CA ILE A 155 13.99 2.21 -9.73
C ILE A 155 15.36 1.58 -9.48
N LYS A 156 15.77 1.55 -8.21
CA LYS A 156 17.03 0.91 -7.86
C LYS A 156 16.76 -0.41 -7.18
N GLN A 157 17.46 -1.47 -7.54
CA GLN A 157 17.37 -2.69 -6.74
C GLN A 157 18.44 -2.67 -5.67
N LEU A 158 18.01 -2.51 -4.42
CA LEU A 158 18.92 -2.36 -3.30
C LEU A 158 19.84 -3.55 -3.11
N ARG A 159 21.09 -3.27 -2.81
CA ARG A 159 22.01 -4.29 -2.32
C ARG A 159 21.41 -4.87 -1.05
N SER A 160 20.96 -3.99 -0.17
CA SER A 160 20.32 -4.33 1.10
C SER A 160 21.09 -5.42 1.85
N GLU A 161 22.41 -5.32 1.81
CA GLU A 161 23.28 -6.37 2.34
C GLU A 161 23.07 -6.65 3.82
N SER A 162 22.60 -7.86 4.12
CA SER A 162 22.58 -8.37 5.49
C SER A 162 23.64 -9.45 5.63
N ILE A 163 24.35 -9.42 6.75
CA ILE A 163 25.60 -10.16 6.91
C ILE A 163 25.44 -11.53 7.58
N GLY A 164 26.24 -12.49 7.14
CA GLY A 164 26.38 -13.75 7.85
C GLY A 164 25.63 -14.92 7.26
N GLY A 165 25.06 -15.74 8.13
CA GLY A 165 24.25 -16.88 7.72
C GLY A 165 22.81 -16.47 7.49
N THR A 166 22.61 -15.18 7.28
CA THR A 166 21.29 -14.62 7.01
C THR A 166 20.95 -14.74 5.52
N PRO A 167 19.66 -14.63 5.16
CA PRO A 167 19.30 -14.71 3.75
C PRO A 167 19.75 -13.50 2.95
N ILE A 168 19.72 -13.62 1.62
CA ILE A 168 19.95 -12.49 0.73
C ILE A 168 18.70 -11.62 0.75
N ARG A 169 18.86 -10.34 0.42
CA ARG A 169 17.73 -9.42 0.40
C ARG A 169 17.35 -9.03 -1.03
N GLY A 170 17.96 -7.96 -1.53
CA GLY A 170 17.68 -7.49 -2.87
C GLY A 170 16.29 -6.87 -3.01
N ALA A 171 16.06 -5.81 -2.23
CA ALA A 171 14.76 -5.13 -2.26
C ALA A 171 14.68 -4.14 -3.42
N LEU A 172 13.50 -4.03 -4.01
CA LEU A 172 13.27 -3.12 -5.12
C LEU A 172 12.74 -1.77 -4.65
N GLN A 173 13.59 -0.75 -4.70
CA GLN A 173 13.27 0.59 -4.24
C GLN A 173 12.77 1.49 -5.39
N ILE A 174 11.59 2.09 -5.16
CA ILE A 174 10.92 2.95 -6.13
C ILE A 174 10.74 4.37 -5.60
N GLU A 175 11.59 5.27 -6.06
CA GLU A 175 11.49 6.68 -5.65
C GLU A 175 10.56 7.44 -6.59
N GLN A 176 9.91 8.46 -6.05
CA GLN A 176 8.95 9.27 -6.80
C GLN A 176 7.87 8.40 -7.42
N SER A 177 7.06 7.78 -6.58
CA SER A 177 6.03 6.83 -7.04
C SER A 177 5.06 7.45 -8.05
N GLU A 178 4.74 6.69 -9.09
CA GLU A 178 3.88 7.18 -10.17
C GLU A 178 2.73 6.21 -10.43
N GLU A 179 1.82 6.61 -11.31
CA GLU A 179 0.68 5.78 -11.66
C GLU A 179 1.09 4.61 -12.56
N SER A 180 2.28 4.73 -13.16
CA SER A 180 2.82 3.67 -13.99
C SER A 180 3.40 2.55 -13.11
N ASP A 181 3.95 2.95 -11.96
CA ASP A 181 4.65 2.03 -11.08
C ASP A 181 3.73 1.01 -10.40
N GLN A 182 2.47 1.37 -10.21
CA GLN A 182 1.53 0.46 -9.55
C GLN A 182 1.19 -0.72 -10.46
N GLY A 183 1.03 -1.90 -9.87
CA GLY A 183 0.83 -3.12 -10.63
C GLY A 183 1.31 -4.35 -9.87
N LYS A 184 1.28 -5.51 -10.52
CA LYS A 184 1.58 -6.77 -9.85
C LYS A 184 3.06 -7.12 -9.92
N TYR A 185 3.73 -7.10 -8.77
CA TYR A 185 5.15 -7.40 -8.71
C TYR A 185 5.41 -8.84 -8.28
N GLU A 186 6.56 -9.37 -8.68
CA GLU A 186 6.96 -10.72 -8.33
C GLU A 186 8.47 -10.81 -8.15
N CYS A 187 8.90 -11.38 -7.02
CA CYS A 187 10.32 -11.56 -6.75
C CYS A 187 10.80 -12.92 -7.23
N VAL A 188 12.04 -12.97 -7.70
CA VAL A 188 12.61 -14.15 -8.33
C VAL A 188 14.02 -14.43 -7.84
N ALA A 189 14.21 -15.59 -7.20
CA ALA A 189 15.53 -16.02 -6.74
C ALA A 189 16.13 -17.05 -7.70
N THR A 190 17.37 -16.81 -8.14
CA THR A 190 17.96 -17.66 -9.16
C THR A 190 19.41 -18.05 -8.88
N ASN A 191 19.68 -19.36 -8.86
CA ASN A 191 21.06 -19.83 -8.80
C ASN A 191 21.31 -21.03 -9.72
N SER A 192 22.41 -21.74 -9.47
CA SER A 192 22.79 -22.90 -10.26
C SER A 192 21.70 -23.96 -10.31
N ALA A 193 21.09 -24.22 -9.15
CA ALA A 193 20.04 -25.24 -9.03
C ALA A 193 18.85 -24.88 -9.91
N GLY A 194 18.35 -23.65 -9.79
CA GLY A 194 17.24 -23.22 -10.60
C GLY A 194 16.61 -21.88 -10.20
N THR A 195 15.29 -21.81 -10.32
CA THR A 195 14.56 -20.57 -10.12
C THR A 195 13.35 -20.74 -9.22
N ARG A 196 13.17 -19.83 -8.27
CA ARG A 196 11.97 -19.84 -7.45
C ARG A 196 11.29 -18.47 -7.48
N TYR A 197 9.97 -18.48 -7.56
CA TYR A 197 9.19 -17.24 -7.59
C TYR A 197 8.51 -16.96 -6.26
N SER A 198 8.22 -15.69 -6.01
CA SER A 198 7.45 -15.32 -4.83
C SER A 198 5.99 -15.12 -5.21
N ALA A 199 5.11 -15.12 -4.22
CA ALA A 199 3.71 -14.81 -4.45
C ALA A 199 3.58 -13.39 -4.97
N PRO A 200 2.61 -13.14 -5.86
CA PRO A 200 2.46 -11.80 -6.44
C PRO A 200 2.03 -10.77 -5.40
N ALA A 201 2.55 -9.56 -5.53
CA ALA A 201 2.23 -8.47 -4.61
C ALA A 201 1.76 -7.24 -5.37
N ASN A 202 0.51 -6.85 -5.13
CA ASN A 202 -0.04 -5.65 -5.75
C ASN A 202 0.56 -4.39 -5.15
N LEU A 203 0.96 -3.48 -6.03
CA LEU A 203 1.36 -2.13 -5.62
C LEU A 203 0.27 -1.17 -6.06
N TYR A 204 -0.24 -0.39 -5.12
CA TYR A 204 -1.22 0.64 -5.44
C TYR A 204 -0.62 2.03 -5.19
N VAL A 205 -1.07 3.01 -5.96
CA VAL A 205 -0.61 4.38 -5.78
C VAL A 205 -1.78 5.33 -5.58
N ARG A 206 -1.80 6.01 -4.45
CA ARG A 206 -2.87 6.93 -4.10
C ARG A 206 -2.36 8.36 -4.07
N GLU A 207 -3.28 9.29 -3.83
CA GLU A 207 -2.92 10.69 -3.63
C GLU A 207 -2.44 10.91 -2.21
N LEU A 208 -1.71 12.01 -1.99
CA LEU A 208 -1.21 12.31 -0.65
C LEU A 208 -2.35 12.73 0.27
N ARG A 209 -2.30 12.26 1.51
CA ARG A 209 -3.27 12.67 2.51
C ARG A 209 -2.99 14.11 2.92
N GLU A 210 -3.89 15.02 2.52
CA GLU A 210 -3.79 16.41 2.92
C GLU A 210 -3.92 16.53 4.44
N VAL A 211 -2.87 17.04 5.08
CA VAL A 211 -2.89 17.22 6.52
C VAL A 211 -2.80 18.70 6.87
N ARG A 212 -3.79 19.18 7.60
CA ARG A 212 -3.79 20.57 8.08
C ARG A 212 -2.63 20.75 9.04
N ARG A 213 -1.83 21.80 8.82
CA ARG A 213 -0.66 22.05 9.64
C ARG A 213 -0.94 23.03 10.78
N VAL A 214 -0.52 22.67 11.98
CA VAL A 214 -0.76 23.46 13.18
C VAL A 214 0.52 23.63 13.99
N PRO A 215 0.83 24.87 14.41
CA PRO A 215 1.96 25.12 15.31
C PRO A 215 1.75 24.49 16.68
N PRO A 216 2.84 24.29 17.45
CA PRO A 216 2.77 23.62 18.75
C PRO A 216 1.86 24.30 19.77
N ARG A 217 1.15 23.48 20.55
CA ARG A 217 0.37 23.95 21.69
C ARG A 217 0.59 23.01 22.86
N PHE A 218 0.67 23.58 24.06
CA PHE A 218 0.84 22.78 25.27
C PHE A 218 -0.47 22.17 25.73
N SER A 219 -0.69 20.91 25.38
CA SER A 219 -1.86 20.17 25.87
C SER A 219 -1.78 20.00 27.38
N ILE A 220 -0.62 19.58 27.87
CA ILE A 220 -0.36 19.55 29.31
C ILE A 220 0.85 20.43 29.65
N PRO A 221 0.58 21.63 30.19
CA PRO A 221 1.68 22.55 30.54
C PRO A 221 2.44 22.07 31.78
N PRO A 222 3.72 22.45 31.89
CA PRO A 222 4.51 22.10 33.07
C PRO A 222 4.04 22.84 34.32
N THR A 223 3.62 22.10 35.33
CA THR A 223 3.05 22.69 36.54
C THR A 223 4.11 23.07 37.57
N ASN A 224 3.72 23.92 38.51
CA ASN A 224 4.61 24.34 39.59
C ASN A 224 4.47 23.43 40.81
N HIS A 225 5.55 23.29 41.57
CA HIS A 225 5.55 22.41 42.73
C HIS A 225 6.33 22.96 43.91
N GLU A 226 5.85 22.67 45.11
CA GLU A 226 6.59 22.91 46.33
C GLU A 226 6.88 21.56 46.98
N ILE A 227 8.14 21.34 47.36
CA ILE A 227 8.53 20.05 47.92
C ILE A 227 9.43 20.20 49.15
N MET A 228 9.30 19.26 50.08
CA MET A 228 10.26 19.12 51.16
C MET A 228 11.64 18.93 50.54
N PRO A 229 12.65 19.65 51.06
CA PRO A 229 14.01 19.63 50.52
C PRO A 229 14.55 18.21 50.38
N GLY A 230 15.19 17.91 49.25
CA GLY A 230 15.70 16.58 49.00
C GLY A 230 14.63 15.62 48.51
N GLY A 231 13.46 16.17 48.20
CA GLY A 231 12.37 15.39 47.66
C GLY A 231 12.54 15.20 46.17
N SER A 232 11.70 14.37 45.57
CA SER A 232 11.82 14.07 44.16
C SER A 232 10.52 14.34 43.42
N VAL A 233 10.56 15.22 42.43
CA VAL A 233 9.36 15.54 41.69
C VAL A 233 9.47 15.24 40.18
N ASN A 234 8.36 14.79 39.60
CA ASN A 234 8.32 14.40 38.19
C ASN A 234 7.33 15.28 37.46
N ILE A 235 7.85 16.20 36.64
CA ILE A 235 7.01 17.18 35.97
C ILE A 235 6.63 16.71 34.55
N THR A 236 5.33 16.72 34.27
CA THR A 236 4.84 16.26 32.99
C THR A 236 4.63 17.40 32.00
N CYS A 237 5.33 17.34 30.87
CA CYS A 237 5.15 18.33 29.81
C CYS A 237 4.71 17.65 28.52
N VAL A 238 3.53 18.02 28.02
CA VAL A 238 2.99 17.40 26.80
C VAL A 238 2.53 18.47 25.81
N ALA A 239 3.02 18.41 24.58
CA ALA A 239 2.66 19.38 23.56
C ALA A 239 2.05 18.69 22.34
N VAL A 240 1.20 19.39 21.60
CA VAL A 240 0.57 18.80 20.41
C VAL A 240 0.72 19.70 19.18
N GLY A 241 0.20 19.23 18.05
CA GLY A 241 0.28 19.96 16.80
C GLY A 241 0.63 19.05 15.63
N SER A 242 0.74 19.61 14.45
CA SER A 242 1.11 18.84 13.26
C SER A 242 2.11 19.60 12.39
N PRO A 243 3.33 19.06 12.23
CA PRO A 243 3.83 17.80 12.79
C PRO A 243 3.98 17.84 14.31
N MET A 244 3.83 16.68 14.95
CA MET A 244 3.93 16.59 16.41
C MET A 244 5.31 17.06 16.84
N PRO A 245 5.35 18.12 17.65
CA PRO A 245 6.62 18.76 18.02
C PRO A 245 7.42 17.98 19.07
N TYR A 246 8.74 18.06 18.97
CA TYR A 246 9.62 17.50 19.99
C TYR A 246 9.42 18.23 21.30
N VAL A 247 9.64 17.54 22.41
CA VAL A 247 9.56 18.16 23.73
C VAL A 247 10.90 18.00 24.47
N LYS A 248 11.44 19.12 24.92
CA LYS A 248 12.78 19.18 25.49
C LYS A 248 12.78 19.90 26.85
N TRP A 249 13.66 19.49 27.76
CA TRP A 249 13.75 20.17 29.03
C TRP A 249 15.06 20.95 29.15
N MET A 250 14.95 22.20 29.61
CA MET A 250 16.11 23.06 29.77
C MET A 250 16.19 23.64 31.19
N LEU A 251 17.41 23.85 31.67
CA LEU A 251 17.65 24.59 32.90
C LEU A 251 18.47 25.83 32.57
N GLY A 252 17.79 26.98 32.52
CA GLY A 252 18.41 28.19 32.03
C GLY A 252 18.65 28.05 30.54
N ALA A 253 19.91 28.16 30.12
CA ALA A 253 20.28 27.94 28.73
C ALA A 253 20.96 26.58 28.57
N GLU A 254 20.90 25.76 29.61
CA GLU A 254 21.52 24.44 29.57
C GLU A 254 20.53 23.38 29.13
N ASP A 255 20.89 22.62 28.09
CA ASP A 255 20.03 21.56 27.59
C ASP A 255 20.17 20.29 28.43
N LEU A 256 19.04 19.77 28.90
CA LEU A 256 19.04 18.57 29.73
C LEU A 256 18.76 17.32 28.91
N THR A 257 17.79 17.40 28.01
CA THR A 257 17.44 16.25 27.17
C THR A 257 18.35 16.16 25.96
N PRO A 258 18.91 14.97 25.72
CA PRO A 258 19.86 14.71 24.62
C PRO A 258 19.17 14.65 23.26
N GLU A 259 19.73 15.37 22.28
CA GLU A 259 19.13 15.53 20.94
C GLU A 259 18.82 14.21 20.23
N ASP A 260 19.62 13.19 20.51
CA ASP A 260 19.49 11.89 19.83
C ASP A 260 18.17 11.20 20.14
N ASP A 261 17.81 11.17 21.43
CA ASP A 261 16.51 10.67 21.86
C ASP A 261 15.66 11.79 22.45
N MET A 262 15.31 12.77 21.62
CA MET A 262 14.39 13.82 22.02
C MET A 262 12.97 13.33 21.75
N PRO A 263 12.14 13.20 22.80
CA PRO A 263 10.82 12.58 22.64
C PRO A 263 9.86 13.43 21.81
N ILE A 264 9.00 12.78 21.04
CA ILE A 264 8.00 13.48 20.23
C ILE A 264 6.66 13.46 20.94
N GLY A 265 6.20 14.65 21.36
CA GLY A 265 4.89 14.79 21.97
C GLY A 265 4.91 14.94 23.49
N ARG A 266 5.75 14.15 24.17
CA ARG A 266 5.68 14.07 25.61
C ARG A 266 7.04 13.89 26.30
N ASN A 267 7.25 14.63 27.39
CA ASN A 267 8.47 14.51 28.17
C ASN A 267 8.21 14.75 29.65
N VAL A 268 8.64 13.82 30.49
CA VAL A 268 8.54 13.98 31.93
C VAL A 268 9.93 14.19 32.53
N LEU A 269 10.08 15.25 33.31
CA LEU A 269 11.36 15.54 33.95
C LEU A 269 11.41 14.94 35.34
N GLU A 270 12.48 14.20 35.61
CA GLU A 270 12.67 13.54 36.90
C GLU A 270 13.68 14.27 37.76
N LEU A 271 13.20 15.04 38.72
CA LEU A 271 14.08 15.78 39.61
C LEU A 271 14.27 15.05 40.94
N ASN A 272 15.51 14.66 41.23
CA ASN A 272 15.84 13.94 42.45
C ASN A 272 16.76 14.76 43.33
N ASP A 273 16.62 14.63 44.65
CA ASP A 273 17.44 15.36 45.62
C ASP A 273 17.44 16.86 45.38
N VAL A 274 16.26 17.46 45.41
CA VAL A 274 16.12 18.90 45.21
C VAL A 274 16.21 19.64 46.53
N ARG A 275 17.38 20.19 46.82
CA ARG A 275 17.56 21.02 48.00
C ARG A 275 17.90 22.45 47.58
N GLN A 276 17.60 22.75 46.31
CA GLN A 276 17.80 24.09 45.74
C GLN A 276 16.61 24.47 44.88
N SER A 277 16.10 25.69 45.05
CA SER A 277 14.95 26.16 44.28
C SER A 277 15.39 26.61 42.89
N ALA A 278 14.54 26.38 41.89
CA ALA A 278 14.87 26.72 40.52
C ALA A 278 13.67 26.66 39.59
N ASN A 279 13.79 27.36 38.48
CA ASN A 279 12.77 27.32 37.44
C ASN A 279 13.22 26.44 36.27
N TYR A 280 12.37 25.51 35.86
CA TYR A 280 12.71 24.63 34.73
C TYR A 280 11.87 24.94 33.51
N THR A 281 12.52 25.05 32.34
CA THR A 281 11.85 25.49 31.13
C THR A 281 11.61 24.36 30.12
N CYS A 282 10.35 23.98 29.95
CA CYS A 282 9.97 23.02 28.91
C CYS A 282 9.86 23.73 27.57
N VAL A 283 10.34 23.08 26.51
CA VAL A 283 10.38 23.69 25.18
C VAL A 283 9.92 22.74 24.07
N ALA A 284 8.86 23.12 23.37
CA ALA A 284 8.35 22.33 22.25
C ALA A 284 8.81 22.91 20.91
N MET A 285 9.22 22.02 20.00
CA MET A 285 9.82 22.45 18.72
C MET A 285 9.29 21.70 17.49
N SER A 286 8.86 22.44 16.47
CA SER A 286 8.45 21.86 15.19
C SER A 286 8.77 22.83 14.07
N THR A 287 8.76 22.36 12.82
CA THR A 287 9.05 23.20 11.66
C THR A 287 8.08 24.39 11.50
N LEU A 288 6.98 24.38 12.23
CA LEU A 288 6.03 25.50 12.24
C LEU A 288 6.30 26.51 13.38
N GLY A 289 7.15 26.14 14.32
CA GLY A 289 7.63 27.06 15.35
C GLY A 289 8.08 26.42 16.67
N VAL A 290 8.46 27.28 17.61
CA VAL A 290 8.99 26.89 18.91
C VAL A 290 8.26 27.63 20.01
N ILE A 291 7.86 26.90 21.05
CA ILE A 291 7.24 27.55 22.21
C ILE A 291 7.91 27.04 23.48
N GLU A 292 7.69 27.75 24.58
CA GLU A 292 8.24 27.31 25.87
C GLU A 292 7.35 27.71 27.05
N ALA A 293 7.45 26.95 28.13
CA ALA A 293 6.68 27.21 29.33
C ALA A 293 7.51 26.91 30.58
N ILE A 294 7.24 27.64 31.65
CA ILE A 294 8.05 27.52 32.86
C ILE A 294 7.36 26.68 33.93
N ALA A 295 8.17 25.92 34.67
CA ALA A 295 7.73 25.16 35.83
C ALA A 295 8.56 25.59 37.03
N GLN A 296 7.94 26.35 37.92
CA GLN A 296 8.65 26.91 39.06
C GLN A 296 8.71 25.92 40.23
N ILE A 297 9.92 25.43 40.50
CA ILE A 297 10.15 24.52 41.62
C ILE A 297 10.69 25.27 42.83
N THR A 298 9.89 25.30 43.89
CA THR A 298 10.26 25.96 45.13
C THR A 298 10.53 24.93 46.21
N VAL A 299 11.40 25.28 47.16
CA VAL A 299 11.75 24.38 48.24
C VAL A 299 11.08 24.78 49.55
N LYS A 300 10.41 23.82 50.18
CA LYS A 300 9.69 24.09 51.41
C LYS A 300 10.64 24.22 52.61
N ASP B 3 -23.74 8.32 -25.14
CA ASP B 3 -23.48 8.56 -26.55
C ASP B 3 -21.98 8.71 -26.81
N VAL B 4 -21.27 9.21 -25.79
CA VAL B 4 -19.81 9.24 -25.74
C VAL B 4 -19.27 7.83 -26.12
N CYS B 5 -18.16 7.72 -26.84
CA CYS B 5 -17.24 8.81 -27.17
C CYS B 5 -17.40 9.40 -28.57
N LYS B 6 -18.16 8.73 -29.42
CA LYS B 6 -18.37 9.22 -30.79
C LYS B 6 -19.24 10.47 -30.78
N GLU B 7 -19.77 10.79 -29.60
CA GLU B 7 -20.53 12.01 -29.39
C GLU B 7 -19.63 13.14 -28.88
N LYS B 8 -18.32 12.85 -28.79
CA LYS B 8 -17.30 13.87 -28.54
C LYS B 8 -17.36 14.46 -27.10
N ILE B 9 -18.32 14.01 -26.31
CA ILE B 9 -18.55 14.60 -24.98
C ILE B 9 -17.33 14.52 -24.06
N CYS B 10 -16.81 13.32 -23.87
CA CYS B 10 -15.62 13.12 -23.04
C CYS B 10 -14.40 12.73 -23.88
N SER B 11 -13.23 12.77 -23.27
CA SER B 11 -11.99 12.48 -23.98
C SER B 11 -11.49 11.06 -23.68
N CYS B 12 -11.94 10.10 -24.50
CA CYS B 12 -11.54 8.72 -24.33
C CYS B 12 -10.30 8.37 -25.13
N ASN B 13 -9.17 9.00 -24.79
CA ASN B 13 -7.90 8.68 -25.43
C ASN B 13 -7.44 7.28 -25.02
N GLU B 14 -6.76 6.58 -25.93
CA GLU B 14 -6.67 5.12 -25.89
C GLU B 14 -5.35 4.52 -25.40
N ILE B 15 -4.75 5.11 -24.37
CA ILE B 15 -3.39 4.72 -23.98
C ILE B 15 -3.10 5.16 -22.53
N GLU B 16 -2.19 4.50 -21.81
CA GLU B 16 -1.29 3.46 -22.30
C GLU B 16 -1.63 2.06 -21.78
N GLY B 17 -1.93 1.15 -22.70
CA GLY B 17 -2.23 -0.23 -22.35
C GLY B 17 -3.66 -0.38 -21.87
N ASP B 18 -4.27 0.73 -21.48
CA ASP B 18 -5.65 0.75 -21.05
C ASP B 18 -6.34 2.01 -21.57
N LEU B 19 -7.64 1.93 -21.79
CA LEU B 19 -8.40 3.05 -22.33
C LEU B 19 -9.01 3.89 -21.21
N HIS B 20 -8.58 5.14 -21.10
CA HIS B 20 -9.06 6.03 -20.05
C HIS B 20 -10.15 6.96 -20.56
N VAL B 21 -11.35 6.81 -20.00
CA VAL B 21 -12.45 7.71 -20.33
C VAL B 21 -12.46 8.89 -19.36
N ASP B 22 -11.84 9.99 -19.77
CA ASP B 22 -11.76 11.19 -18.96
C ASP B 22 -13.01 12.03 -19.14
N CYS B 23 -13.91 11.98 -18.16
CA CYS B 23 -15.08 12.85 -18.15
C CYS B 23 -15.00 13.83 -16.99
N GLU B 24 -13.78 14.06 -16.52
CA GLU B 24 -13.55 14.94 -15.39
C GLU B 24 -13.92 16.38 -15.71
N LYS B 25 -14.65 17.02 -14.80
CA LYS B 25 -15.05 18.42 -14.93
C LYS B 25 -15.86 18.70 -16.20
N LYS B 26 -16.80 17.81 -16.51
CA LYS B 26 -17.69 18.01 -17.64
C LYS B 26 -19.08 18.43 -17.15
N GLY B 27 -19.30 18.36 -15.85
CA GLY B 27 -20.54 18.82 -15.25
C GLY B 27 -21.71 17.86 -15.40
N PHE B 28 -21.44 16.57 -15.24
CA PHE B 28 -22.49 15.56 -15.26
C PHE B 28 -23.35 15.58 -14.00
N THR B 29 -24.66 15.49 -14.17
CA THR B 29 -25.58 15.41 -13.03
C THR B 29 -26.22 14.02 -12.93
N SER B 30 -26.19 13.28 -14.03
CA SER B 30 -26.64 11.89 -14.04
C SER B 30 -26.06 11.16 -15.26
N LEU B 31 -26.02 9.83 -15.20
CA LEU B 31 -25.43 9.03 -16.27
C LEU B 31 -26.34 7.90 -16.73
N GLN B 32 -27.64 8.13 -16.66
CA GLN B 32 -28.61 7.16 -17.15
C GLN B 32 -28.94 7.46 -18.61
N ARG B 33 -28.58 8.67 -19.03
CA ARG B 33 -28.86 9.13 -20.39
C ARG B 33 -27.72 8.77 -21.34
N PHE B 34 -26.64 8.22 -20.79
CA PHE B 34 -25.41 8.08 -21.54
C PHE B 34 -24.95 6.63 -21.71
N THR B 35 -24.07 6.41 -22.68
CA THR B 35 -23.60 5.06 -23.01
C THR B 35 -22.07 5.00 -23.10
N ALA B 36 -21.55 3.79 -23.20
CA ALA B 36 -20.11 3.55 -23.26
C ALA B 36 -19.81 2.29 -24.07
N PRO B 37 -18.65 2.27 -24.78
CA PRO B 37 -18.27 1.24 -25.75
C PRO B 37 -18.56 -0.22 -25.34
N THR B 38 -18.78 -1.06 -26.35
CA THR B 38 -19.20 -2.44 -26.12
C THR B 38 -18.03 -3.43 -25.98
N SER B 39 -16.98 -3.24 -26.77
CA SER B 39 -15.91 -4.22 -26.85
C SER B 39 -14.76 -3.92 -25.88
N GLN B 40 -14.42 -2.64 -25.75
CA GLN B 40 -13.29 -2.23 -24.92
C GLN B 40 -13.65 -2.12 -23.44
N PHE B 41 -12.72 -2.51 -22.58
CA PHE B 41 -12.83 -2.24 -21.15
C PHE B 41 -12.16 -0.91 -20.87
N TYR B 42 -12.61 -0.21 -19.82
CA TYR B 42 -12.13 1.14 -19.59
C TYR B 42 -12.10 1.56 -18.13
N HIS B 43 -11.30 2.59 -17.84
CA HIS B 43 -11.29 3.25 -16.54
C HIS B 43 -12.09 4.55 -16.63
N LEU B 44 -13.15 4.64 -15.86
CA LEU B 44 -14.06 5.79 -15.93
C LEU B 44 -13.68 6.87 -14.91
N PHE B 45 -13.47 8.09 -15.41
CA PHE B 45 -13.07 9.21 -14.56
C PHE B 45 -14.16 10.28 -14.55
N LEU B 46 -14.85 10.42 -13.42
CA LEU B 46 -15.94 11.38 -13.28
C LEU B 46 -15.67 12.35 -12.12
N HIS B 47 -14.43 12.83 -12.06
CA HIS B 47 -13.94 13.75 -11.03
C HIS B 47 -14.92 14.87 -10.68
N GLY B 48 -14.66 16.07 -11.18
CA GLY B 48 -15.41 17.25 -10.75
C GLY B 48 -16.64 17.55 -11.58
N ASN B 49 -17.65 16.69 -11.48
CA ASN B 49 -18.80 16.77 -12.36
C ASN B 49 -20.10 17.21 -11.67
N SER B 50 -20.07 17.25 -10.35
CA SER B 50 -21.23 17.59 -9.51
C SER B 50 -22.33 16.53 -9.59
N LEU B 51 -21.92 15.26 -9.53
CA LEU B 51 -22.85 14.17 -9.33
C LEU B 51 -23.28 14.13 -7.87
N THR B 52 -24.33 14.89 -7.56
CA THR B 52 -24.74 15.11 -6.17
C THR B 52 -25.44 13.89 -5.56
N ARG B 53 -26.15 13.12 -6.38
CA ARG B 53 -26.87 11.95 -5.90
C ARG B 53 -26.79 10.82 -6.91
N LEU B 54 -26.61 9.60 -6.40
CA LEU B 54 -26.56 8.42 -7.26
C LEU B 54 -27.81 7.58 -7.06
N PHE B 55 -28.57 7.42 -8.13
CA PHE B 55 -29.84 6.70 -8.09
C PHE B 55 -29.69 5.31 -8.72
N PRO B 56 -30.63 4.39 -8.42
CA PRO B 56 -30.54 3.02 -8.93
C PRO B 56 -30.34 2.96 -10.44
N ASN B 57 -29.42 2.09 -10.86
CA ASN B 57 -29.14 1.84 -12.27
C ASN B 57 -28.58 3.05 -13.01
N GLU B 58 -27.84 3.89 -12.29
CA GLU B 58 -26.88 4.77 -12.94
C GLU B 58 -25.69 3.87 -13.28
N PHE B 59 -24.87 4.30 -14.23
CA PHE B 59 -23.74 3.51 -14.70
C PHE B 59 -24.18 2.17 -15.30
N ALA B 60 -25.47 2.05 -15.61
CA ALA B 60 -26.02 0.79 -16.12
C ALA B 60 -25.44 0.45 -17.49
N ASN B 61 -25.21 1.47 -18.31
CA ASN B 61 -24.61 1.29 -19.62
C ASN B 61 -23.09 1.28 -19.56
N PHE B 62 -22.55 1.39 -18.34
CA PHE B 62 -21.12 1.43 -18.12
C PHE B 62 -20.64 0.15 -17.45
N TYR B 63 -21.31 -0.94 -17.77
CA TYR B 63 -21.03 -2.26 -17.23
C TYR B 63 -19.60 -2.74 -17.55
N ASN B 64 -18.99 -2.14 -18.56
CA ASN B 64 -17.66 -2.55 -19.00
C ASN B 64 -16.52 -1.75 -18.37
N ALA B 65 -16.84 -0.98 -17.32
CA ALA B 65 -15.85 -0.20 -16.61
C ALA B 65 -15.05 -1.07 -15.63
N VAL B 66 -13.73 -0.89 -15.63
CA VAL B 66 -12.85 -1.65 -14.76
C VAL B 66 -12.61 -0.93 -13.45
N SER B 67 -12.65 0.40 -13.49
CA SER B 67 -12.51 1.20 -12.28
C SER B 67 -13.28 2.50 -12.39
N LEU B 68 -13.94 2.88 -11.29
CA LEU B 68 -14.71 4.11 -11.25
C LEU B 68 -14.05 5.13 -10.32
N HIS B 69 -13.83 6.33 -10.84
CA HIS B 69 -13.17 7.39 -10.08
C HIS B 69 -14.01 8.66 -10.06
N MET B 70 -14.93 8.75 -9.10
CA MET B 70 -15.81 9.91 -9.00
C MET B 70 -15.62 10.67 -7.69
N GLU B 71 -14.52 11.42 -7.60
CA GLU B 71 -14.21 12.22 -6.41
C GLU B 71 -14.43 13.70 -6.67
N ASN B 72 -14.66 14.47 -5.60
CA ASN B 72 -14.92 15.91 -5.68
C ASN B 72 -16.23 16.24 -6.40
N ASN B 73 -17.20 15.33 -6.33
CA ASN B 73 -18.51 15.57 -6.93
C ASN B 73 -19.49 16.16 -5.93
N GLY B 74 -19.06 16.31 -4.68
CA GLY B 74 -19.93 16.79 -3.62
C GLY B 74 -21.05 15.81 -3.35
N LEU B 75 -20.76 14.53 -3.57
CA LEU B 75 -21.74 13.46 -3.40
C LEU B 75 -22.11 13.26 -1.94
N HIS B 76 -23.39 13.01 -1.67
CA HIS B 76 -23.86 12.82 -0.31
C HIS B 76 -24.90 11.72 -0.20
N GLU B 77 -25.58 11.43 -1.31
CA GLU B 77 -26.67 10.45 -1.29
C GLU B 77 -26.45 9.34 -2.30
N ILE B 78 -26.37 8.11 -1.81
CA ILE B 78 -26.24 6.93 -2.65
C ILE B 78 -27.40 5.98 -2.42
N VAL B 79 -28.35 5.98 -3.34
CA VAL B 79 -29.46 5.06 -3.28
C VAL B 79 -29.01 3.67 -3.69
N PRO B 80 -29.26 2.66 -2.84
CA PRO B 80 -28.88 1.26 -3.07
C PRO B 80 -29.18 0.78 -4.48
N GLY B 81 -28.18 0.20 -5.13
CA GLY B 81 -28.32 -0.27 -6.49
C GLY B 81 -27.88 0.77 -7.50
N ALA B 82 -27.29 1.86 -7.00
CA ALA B 82 -26.73 2.88 -7.87
C ALA B 82 -25.54 2.33 -8.62
N PHE B 83 -24.81 1.44 -7.97
CA PHE B 83 -23.63 0.82 -8.57
C PHE B 83 -23.97 -0.48 -9.29
N LEU B 84 -25.26 -0.81 -9.35
CA LEU B 84 -25.70 -2.11 -9.88
C LEU B 84 -25.24 -2.34 -11.31
N GLY B 85 -24.64 -3.51 -11.55
CA GLY B 85 -24.18 -3.88 -12.87
C GLY B 85 -22.67 -3.80 -13.01
N LEU B 86 -22.01 -3.17 -12.05
CA LEU B 86 -20.56 -2.99 -12.10
C LEU B 86 -19.82 -4.18 -11.49
N GLN B 87 -19.99 -5.34 -12.11
CA GLN B 87 -19.30 -6.55 -11.66
C GLN B 87 -17.82 -6.47 -11.97
N LEU B 88 -17.46 -5.72 -13.01
CA LEU B 88 -16.08 -5.66 -13.49
C LEU B 88 -15.19 -4.79 -12.62
N VAL B 89 -15.78 -3.78 -11.99
CA VAL B 89 -15.02 -2.77 -11.25
C VAL B 89 -14.18 -3.35 -10.11
N LYS B 90 -12.91 -2.96 -10.06
CA LYS B 90 -11.98 -3.39 -9.01
C LYS B 90 -11.58 -2.24 -8.10
N ARG B 91 -11.82 -1.01 -8.54
CA ARG B 91 -11.33 0.17 -7.84
C ARG B 91 -12.36 1.30 -7.83
N LEU B 92 -12.76 1.72 -6.63
CA LEU B 92 -13.77 2.76 -6.48
C LEU B 92 -13.26 3.94 -5.66
N HIS B 93 -13.21 5.10 -6.32
CA HIS B 93 -12.84 6.35 -5.67
C HIS B 93 -14.07 7.21 -5.38
N ILE B 94 -14.43 7.34 -4.11
CA ILE B 94 -15.54 8.21 -3.72
C ILE B 94 -15.14 9.16 -2.60
N ASN B 95 -13.84 9.44 -2.50
CA ASN B 95 -13.33 10.37 -1.50
C ASN B 95 -13.59 11.82 -1.91
N ASN B 96 -13.37 12.73 -0.96
CA ASN B 96 -13.62 14.16 -1.18
C ASN B 96 -15.06 14.44 -1.60
N ASN B 97 -16.01 13.93 -0.81
CA ASN B 97 -17.42 14.23 -1.00
C ASN B 97 -18.07 14.49 0.36
N LYS B 98 -19.38 14.29 0.46
CA LYS B 98 -20.09 14.56 1.70
C LYS B 98 -21.01 13.40 2.12
N ILE B 99 -20.56 12.17 1.89
CA ILE B 99 -21.34 10.98 2.22
C ILE B 99 -21.25 10.66 3.72
N LYS B 100 -22.37 10.80 4.43
CA LYS B 100 -22.35 10.75 5.88
C LYS B 100 -22.41 9.35 6.49
N SER B 101 -22.71 8.34 5.68
CA SER B 101 -22.79 6.97 6.21
C SER B 101 -22.79 5.86 5.15
N PHE B 102 -22.28 4.71 5.56
CA PHE B 102 -22.36 3.47 4.80
C PHE B 102 -23.49 2.59 5.35
N ARG B 103 -24.49 2.30 4.51
CA ARG B 103 -25.57 1.41 4.90
C ARG B 103 -25.40 0.07 4.19
N LYS B 104 -26.23 -0.92 4.55
CA LYS B 104 -26.19 -2.20 3.86
C LYS B 104 -26.81 -2.03 2.47
N GLN B 105 -26.23 -2.72 1.49
CA GLN B 105 -26.61 -2.61 0.07
C GLN B 105 -26.29 -1.23 -0.51
N THR B 106 -25.43 -0.48 0.17
CA THR B 106 -24.92 0.77 -0.38
C THR B 106 -24.00 0.45 -1.55
N PHE B 107 -23.11 -0.53 -1.35
CA PHE B 107 -22.21 -0.98 -2.38
C PHE B 107 -22.78 -2.17 -3.15
N LEU B 108 -24.05 -2.09 -3.50
CA LEU B 108 -24.70 -3.14 -4.26
C LEU B 108 -24.33 -3.06 -5.74
N GLY B 109 -23.89 -4.18 -6.30
CA GLY B 109 -23.53 -4.23 -7.71
C GLY B 109 -22.05 -4.44 -7.96
N LEU B 110 -21.22 -4.04 -7.00
CA LEU B 110 -19.76 -4.09 -7.13
C LEU B 110 -19.17 -5.37 -6.58
N ASP B 111 -19.28 -6.47 -7.31
CA ASP B 111 -18.84 -7.76 -6.81
C ASP B 111 -17.31 -7.91 -6.78
N ASP B 112 -16.64 -7.48 -7.84
CA ASP B 112 -15.19 -7.66 -7.96
C ASP B 112 -14.36 -6.67 -7.14
N LEU B 113 -14.99 -5.62 -6.62
CA LEU B 113 -14.29 -4.50 -5.98
C LEU B 113 -13.17 -4.94 -5.03
N GLU B 114 -11.98 -4.41 -5.26
CA GLU B 114 -10.80 -4.74 -4.45
C GLU B 114 -10.28 -3.52 -3.70
N TYR B 115 -10.57 -2.34 -4.25
CA TYR B 115 -10.00 -1.10 -3.78
C TYR B 115 -11.13 -0.11 -3.47
N LEU B 116 -11.19 0.40 -2.24
CA LEU B 116 -12.20 1.39 -1.90
C LEU B 116 -11.59 2.60 -1.21
N GLN B 117 -11.83 3.78 -1.76
CA GLN B 117 -11.35 5.01 -1.15
C GLN B 117 -12.51 5.94 -0.79
N ALA B 118 -12.70 6.17 0.51
CA ALA B 118 -13.79 7.01 0.99
C ALA B 118 -13.29 8.00 2.04
N ASP B 119 -12.07 8.48 1.88
CA ASP B 119 -11.51 9.47 2.80
C ASP B 119 -12.11 10.84 2.58
N PHE B 120 -12.08 11.68 3.62
CA PHE B 120 -12.69 13.01 3.59
C PHE B 120 -14.15 12.93 3.14
N ASN B 121 -15.03 12.50 4.03
CA ASN B 121 -16.43 12.30 3.70
C ASN B 121 -17.36 12.54 4.88
N LEU B 122 -16.79 12.94 6.02
CA LEU B 122 -17.54 13.16 7.26
C LEU B 122 -18.29 11.89 7.67
N LEU B 123 -17.76 10.74 7.27
CA LEU B 123 -18.37 9.45 7.56
C LEU B 123 -18.48 9.22 9.06
N ARG B 124 -19.61 8.68 9.51
CA ARG B 124 -19.81 8.41 10.93
C ARG B 124 -20.29 6.99 11.17
N ASP B 125 -21.47 6.67 10.65
CA ASP B 125 -22.04 5.34 10.86
C ASP B 125 -21.69 4.41 9.70
N ILE B 126 -21.37 3.17 10.02
CA ILE B 126 -21.06 2.16 9.01
C ILE B 126 -21.82 0.89 9.30
N ASP B 127 -22.85 0.59 8.50
CA ASP B 127 -23.64 -0.62 8.67
C ASP B 127 -22.73 -1.84 8.76
N PRO B 128 -23.04 -2.78 9.67
CA PRO B 128 -22.22 -3.98 9.78
C PRO B 128 -22.11 -4.74 8.47
N GLY B 129 -23.25 -4.94 7.81
CA GLY B 129 -23.29 -5.63 6.53
C GLY B 129 -23.12 -4.67 5.37
N ALA B 130 -22.16 -3.76 5.48
CA ALA B 130 -21.90 -2.79 4.41
C ALA B 130 -20.95 -3.36 3.38
N PHE B 131 -19.90 -4.03 3.82
CA PHE B 131 -18.92 -4.62 2.91
C PHE B 131 -19.04 -6.14 2.84
N GLN B 132 -20.10 -6.69 3.41
CA GLN B 132 -20.17 -8.14 3.62
C GLN B 132 -20.28 -8.95 2.32
N ASP B 133 -20.46 -8.27 1.19
CA ASP B 133 -20.48 -8.94 -0.10
C ASP B 133 -19.26 -8.57 -0.94
N LEU B 134 -18.52 -7.55 -0.49
CA LEU B 134 -17.28 -7.15 -1.14
C LEU B 134 -16.14 -8.07 -0.70
N ASN B 135 -16.16 -9.29 -1.20
CA ASN B 135 -15.23 -10.33 -0.74
C ASN B 135 -13.89 -10.32 -1.48
N LYS B 136 -13.61 -9.25 -2.20
CA LYS B 136 -12.31 -9.11 -2.86
C LYS B 136 -11.64 -7.82 -2.42
N LEU B 137 -12.30 -7.12 -1.50
CA LEU B 137 -11.82 -5.84 -0.99
C LEU B 137 -10.50 -6.00 -0.22
N GLU B 138 -9.39 -5.79 -0.91
CA GLU B 138 -8.07 -5.91 -0.30
C GLU B 138 -7.67 -4.64 0.45
N VAL B 139 -8.04 -3.49 -0.11
CA VAL B 139 -7.59 -2.22 0.43
C VAL B 139 -8.76 -1.25 0.65
N LEU B 140 -8.96 -0.92 1.93
CA LEU B 140 -10.00 -0.01 2.38
C LEU B 140 -9.36 1.23 3.01
N ILE B 141 -9.62 2.38 2.40
CA ILE B 141 -9.03 3.64 2.84
C ILE B 141 -10.11 4.59 3.35
N LEU B 142 -10.13 4.83 4.66
CA LEU B 142 -11.19 5.59 5.29
C LEU B 142 -10.67 6.75 6.13
N ASN B 143 -9.50 7.29 5.78
CA ASN B 143 -8.89 8.33 6.61
C ASN B 143 -9.67 9.65 6.60
N ASP B 144 -9.44 10.46 7.62
CA ASP B 144 -10.09 11.75 7.78
C ASP B 144 -11.62 11.67 7.65
N ASN B 145 -12.23 10.99 8.61
CA ASN B 145 -13.69 10.97 8.73
C ASN B 145 -14.08 11.07 10.20
N LEU B 146 -15.33 10.76 10.52
CA LEU B 146 -15.81 10.87 11.89
C LEU B 146 -16.26 9.53 12.43
N ILE B 147 -15.66 8.45 11.93
CA ILE B 147 -16.00 7.11 12.40
C ILE B 147 -15.77 7.00 13.91
N SER B 148 -16.85 6.86 14.65
CA SER B 148 -16.77 6.69 16.10
C SER B 148 -16.35 5.27 16.44
N THR B 149 -17.07 4.31 15.86
CA THR B 149 -16.79 2.90 16.12
C THR B 149 -16.92 2.06 14.86
N LEU B 150 -16.29 0.90 14.89
CA LEU B 150 -16.48 -0.11 13.86
C LEU B 150 -17.36 -1.22 14.43
N PRO B 151 -18.51 -1.47 13.79
CA PRO B 151 -19.44 -2.52 14.24
C PRO B 151 -18.78 -3.89 14.34
N ALA B 152 -19.50 -4.84 14.94
CA ALA B 152 -18.96 -6.15 15.28
C ALA B 152 -18.39 -6.94 14.09
N ASN B 153 -19.23 -7.16 13.08
CA ASN B 153 -18.86 -8.09 12.00
C ASN B 153 -18.41 -7.45 10.70
N VAL B 154 -18.10 -6.15 10.73
CA VAL B 154 -17.84 -5.36 9.51
C VAL B 154 -16.92 -6.03 8.49
N PHE B 155 -15.86 -6.68 8.96
CA PHE B 155 -14.86 -7.23 8.05
C PHE B 155 -14.90 -8.74 7.97
N GLN B 156 -16.02 -9.33 8.36
CA GLN B 156 -16.19 -10.78 8.23
C GLN B 156 -16.18 -11.17 6.76
N TYR B 157 -15.20 -12.00 6.39
CA TYR B 157 -15.06 -12.52 5.03
C TYR B 157 -14.71 -11.43 4.03
N VAL B 158 -14.19 -10.31 4.55
CA VAL B 158 -13.64 -9.26 3.72
C VAL B 158 -12.12 -9.32 3.83
N PRO B 159 -11.44 -9.64 2.72
CA PRO B 159 -9.99 -9.85 2.71
C PRO B 159 -9.21 -8.54 2.83
N ILE B 160 -9.42 -7.80 3.91
CA ILE B 160 -8.73 -6.54 4.14
C ILE B 160 -7.24 -6.77 4.35
N THR B 161 -6.43 -5.99 3.64
CA THR B 161 -4.98 -6.08 3.76
C THR B 161 -4.41 -4.70 4.06
N HIS B 162 -5.06 -3.67 3.53
CA HIS B 162 -4.70 -2.29 3.82
C HIS B 162 -5.88 -1.58 4.47
N LEU B 163 -5.75 -1.21 5.74
CA LEU B 163 -6.84 -0.53 6.44
C LEU B 163 -6.38 0.85 6.91
N ASP B 164 -6.78 1.89 6.17
CA ASP B 164 -6.39 3.24 6.53
C ASP B 164 -7.50 3.94 7.31
N LEU B 165 -7.33 4.05 8.63
CA LEU B 165 -8.36 4.60 9.51
C LEU B 165 -7.94 5.89 10.20
N ARG B 166 -6.92 6.55 9.67
CA ARG B 166 -6.41 7.77 10.31
C ARG B 166 -7.44 8.90 10.33
N GLY B 167 -7.25 9.86 11.22
CA GLY B 167 -8.06 11.06 11.25
C GLY B 167 -9.54 10.89 11.56
N ASN B 168 -9.87 9.96 12.46
CA ASN B 168 -11.26 9.77 12.88
C ASN B 168 -11.45 10.06 14.36
N ARG B 169 -12.69 10.00 14.82
CA ARG B 169 -12.98 10.07 16.25
C ARG B 169 -13.11 8.65 16.79
N LEU B 170 -11.98 7.95 16.84
CA LEU B 170 -11.94 6.54 17.19
C LEU B 170 -11.35 6.33 18.58
N LYS B 171 -12.20 6.05 19.56
CA LYS B 171 -11.76 5.90 20.96
C LYS B 171 -11.11 4.55 21.23
N THR B 172 -11.68 3.48 20.70
CA THR B 172 -11.17 2.14 20.97
C THR B 172 -11.38 1.18 19.79
N LEU B 173 -10.72 0.02 19.87
CA LEU B 173 -10.83 -0.99 18.83
C LEU B 173 -10.79 -2.38 19.47
N PRO B 174 -11.93 -3.09 19.40
CA PRO B 174 -12.11 -4.39 20.07
C PRO B 174 -11.48 -5.54 19.30
N TYR B 175 -10.93 -6.51 20.00
CA TYR B 175 -10.43 -7.72 19.34
C TYR B 175 -11.60 -8.60 18.93
N GLU B 176 -12.50 -8.83 19.89
CA GLU B 176 -13.65 -9.69 19.67
C GLU B 176 -14.42 -9.26 18.42
N GLU B 177 -14.45 -10.17 17.45
CA GLU B 177 -15.14 -10.00 16.17
C GLU B 177 -14.42 -9.04 15.22
N VAL B 178 -14.06 -7.85 15.67
CA VAL B 178 -13.45 -6.87 14.76
C VAL B 178 -11.99 -7.16 14.41
N LEU B 179 -11.12 -7.21 15.41
CA LEU B 179 -9.68 -7.32 15.16
C LEU B 179 -9.22 -8.73 14.80
N GLU B 180 -9.93 -9.75 15.27
CA GLU B 180 -9.58 -11.13 14.94
C GLU B 180 -9.88 -11.40 13.48
N GLN B 181 -10.97 -10.84 12.99
CA GLN B 181 -11.46 -11.13 11.64
C GLN B 181 -10.59 -10.57 10.52
N ILE B 182 -9.57 -9.79 10.85
CA ILE B 182 -8.64 -9.32 9.82
C ILE B 182 -7.21 -9.79 10.08
N PRO B 183 -6.95 -11.09 9.90
CA PRO B 183 -5.59 -11.59 10.13
C PRO B 183 -4.62 -11.18 9.04
N GLY B 184 -5.13 -10.97 7.82
CA GLY B 184 -4.29 -10.78 6.66
C GLY B 184 -3.72 -9.39 6.44
N ILE B 185 -3.91 -8.50 7.41
CA ILE B 185 -3.40 -7.12 7.30
C ILE B 185 -1.92 -7.07 7.00
N ALA B 186 -1.52 -6.08 6.19
CA ALA B 186 -0.12 -5.85 5.88
C ALA B 186 0.22 -4.38 6.14
N GLU B 187 -0.80 -3.54 6.08
CA GLU B 187 -0.68 -2.12 6.37
C GLU B 187 -1.94 -1.63 7.09
N ILE B 188 -1.78 -1.16 8.32
CA ILE B 188 -2.90 -0.55 9.01
C ILE B 188 -2.47 0.81 9.57
N LEU B 189 -3.32 1.80 9.41
CA LEU B 189 -3.00 3.17 9.80
C LEU B 189 -4.05 3.72 10.75
N LEU B 190 -3.65 3.92 12.02
CA LEU B 190 -4.58 4.33 13.05
C LEU B 190 -4.23 5.69 13.65
N GLU B 191 -3.18 6.32 13.13
CA GLU B 191 -2.71 7.60 13.63
C GLU B 191 -3.80 8.66 13.58
N ASP B 192 -3.66 9.70 14.41
CA ASP B 192 -4.66 10.77 14.53
C ASP B 192 -6.03 10.24 14.93
N ASN B 193 -6.09 9.54 16.05
CA ASN B 193 -7.36 9.13 16.65
C ASN B 193 -7.32 9.37 18.15
N PRO B 194 -8.44 9.82 18.73
CA PRO B 194 -8.49 10.09 20.17
C PRO B 194 -8.55 8.80 20.97
N TRP B 195 -7.48 8.00 20.89
CA TRP B 195 -7.46 6.69 21.54
C TRP B 195 -7.61 6.81 23.06
N ASP B 196 -8.63 6.14 23.57
CA ASP B 196 -8.90 6.11 25.00
C ASP B 196 -8.28 4.86 25.61
N CYS B 197 -7.07 5.01 26.14
CA CYS B 197 -6.35 3.87 26.69
C CYS B 197 -6.90 3.49 28.06
N THR B 198 -7.78 2.49 28.05
CA THR B 198 -8.45 2.01 29.24
C THR B 198 -8.44 0.47 29.17
N CYS B 199 -9.33 -0.18 29.93
CA CYS B 199 -9.43 -1.63 29.88
C CYS B 199 -9.81 -2.12 28.48
N ASP B 200 -10.48 -1.26 27.72
CA ASP B 200 -11.03 -1.63 26.42
C ASP B 200 -10.02 -1.54 25.28
N LEU B 201 -8.85 -0.98 25.58
CA LEU B 201 -7.84 -0.84 24.54
C LEU B 201 -6.77 -1.92 24.64
N LEU B 202 -6.78 -2.64 25.76
CA LEU B 202 -5.84 -3.75 25.97
C LEU B 202 -5.77 -4.65 24.74
N SER B 203 -6.94 -5.10 24.29
CA SER B 203 -7.08 -5.91 23.08
C SER B 203 -6.29 -5.39 21.88
N LEU B 204 -6.38 -4.08 21.62
CA LEU B 204 -5.58 -3.43 20.57
C LEU B 204 -4.10 -3.69 20.82
N LYS B 205 -3.63 -3.26 21.99
CA LYS B 205 -2.22 -3.38 22.38
C LYS B 205 -1.64 -4.76 22.07
N GLU B 206 -2.12 -5.76 22.81
CA GLU B 206 -1.76 -7.16 22.57
C GLU B 206 -1.82 -7.54 21.09
N TRP B 207 -2.92 -7.19 20.42
CA TRP B 207 -3.03 -7.42 18.97
C TRP B 207 -1.85 -6.82 18.21
N LEU B 208 -1.57 -5.54 18.43
CA LEU B 208 -0.42 -4.89 17.79
C LEU B 208 0.92 -5.58 18.08
N GLU B 209 0.97 -6.36 19.15
CA GLU B 209 2.17 -7.13 19.50
C GLU B 209 2.30 -8.33 18.56
N ASN B 210 1.18 -9.04 18.40
CA ASN B 210 1.10 -10.25 17.59
C ASN B 210 1.03 -9.97 16.09
N ILE B 211 0.83 -8.71 15.76
CA ILE B 211 0.74 -8.27 14.37
C ILE B 211 2.09 -8.43 13.67
N PRO B 212 2.09 -8.67 12.35
CA PRO B 212 3.33 -8.67 11.57
C PRO B 212 4.10 -7.36 11.76
N LYS B 213 5.42 -7.45 11.86
CA LYS B 213 6.24 -6.29 12.16
C LYS B 213 6.25 -5.31 10.99
N ASN B 214 6.24 -4.02 11.31
CA ASN B 214 6.17 -2.93 10.33
C ASN B 214 4.86 -2.92 9.54
N ALA B 215 3.86 -3.66 10.00
CA ALA B 215 2.55 -3.63 9.37
C ALA B 215 1.77 -2.41 9.84
N LEU B 216 1.96 -2.04 11.10
CA LEU B 216 1.40 -0.81 11.62
C LEU B 216 2.19 0.38 11.10
N ILE B 217 1.49 1.30 10.45
CA ILE B 217 2.13 2.51 9.94
C ILE B 217 1.69 3.71 10.76
N GLY B 218 2.64 4.33 11.46
CA GLY B 218 2.35 5.45 12.32
C GLY B 218 2.26 5.04 13.78
N ARG B 219 1.86 5.98 14.63
CA ARG B 219 1.80 5.75 16.06
C ARG B 219 0.38 5.72 16.59
N VAL B 220 0.16 4.97 17.67
CA VAL B 220 -1.10 5.03 18.40
C VAL B 220 -0.87 5.65 19.77
N VAL B 221 -1.13 6.95 19.85
CA VAL B 221 -0.88 7.71 21.07
C VAL B 221 -2.15 7.81 21.90
N CYS B 222 -2.01 7.71 23.22
CA CYS B 222 -3.13 7.85 24.14
C CYS B 222 -3.51 9.32 24.34
N GLU B 223 -4.73 9.68 23.95
CA GLU B 223 -5.23 11.03 24.16
C GLU B 223 -5.90 11.12 25.53
N ALA B 224 -6.26 9.96 26.07
CA ALA B 224 -6.97 9.87 27.34
C ALA B 224 -6.61 8.58 28.07
N PRO B 225 -6.60 8.61 29.42
CA PRO B 225 -6.85 9.80 30.26
C PRO B 225 -5.64 10.73 30.32
N THR B 226 -5.80 11.86 31.01
CA THR B 226 -4.70 12.81 31.17
C THR B 226 -3.54 12.20 31.93
N ARG B 227 -3.83 11.16 32.70
CA ARG B 227 -2.81 10.37 33.38
C ARG B 227 -1.83 9.78 32.38
N LEU B 228 -2.33 9.55 31.16
CA LEU B 228 -1.59 8.80 30.16
C LEU B 228 -1.40 9.57 28.86
N GLN B 229 -2.01 10.75 28.78
CA GLN B 229 -2.01 11.54 27.55
C GLN B 229 -0.60 11.76 27.00
N GLY B 230 -0.47 11.56 25.69
CA GLY B 230 0.80 11.77 25.01
C GLY B 230 1.71 10.55 25.01
N LYS B 231 1.28 9.45 25.61
CA LYS B 231 2.12 8.27 25.74
C LYS B 231 1.81 7.22 24.68
N ASP B 232 2.86 6.57 24.19
CA ASP B 232 2.73 5.51 23.19
C ASP B 232 2.12 4.24 23.79
N LEU B 233 1.25 3.58 23.02
CA LEU B 233 0.67 2.30 23.44
C LEU B 233 1.73 1.22 23.48
N ASN B 234 2.74 1.47 22.65
CA ASN B 234 4.03 0.79 22.53
C ASN B 234 4.61 0.42 23.87
N GLU B 235 4.67 1.43 24.72
CA GLU B 235 5.29 1.32 26.02
C GLU B 235 4.26 1.77 27.04
N THR B 236 3.16 1.04 27.09
CA THR B 236 2.16 1.25 28.13
C THR B 236 1.97 -0.03 28.93
N THR B 237 2.30 0.02 30.22
CA THR B 237 2.12 -1.15 31.07
C THR B 237 0.64 -1.49 31.23
N GLU B 238 0.36 -2.78 31.30
CA GLU B 238 -1.02 -3.28 31.39
C GLU B 238 -1.74 -2.70 32.59
N GLN B 239 -0.99 -2.49 33.67
CA GLN B 239 -1.55 -1.91 34.89
C GLN B 239 -2.12 -0.53 34.63
N ASP B 240 -1.47 0.21 33.75
CA ASP B 240 -1.88 1.59 33.49
C ASP B 240 -3.16 1.63 32.64
N LEU B 241 -3.27 0.72 31.67
CA LEU B 241 -4.51 0.60 30.91
C LEU B 241 -5.62 0.03 31.80
N CYS B 242 -5.32 -1.10 32.44
CA CYS B 242 -6.29 -1.81 33.26
C CYS B 242 -5.77 -2.07 34.67
N PRO B 243 -5.88 -1.08 35.57
CA PRO B 243 -5.39 -1.26 36.94
C PRO B 243 -6.32 -2.13 37.79
#